data_4EZI
#
_entry.id   4EZI
#
_cell.length_a   50.875
_cell.length_b   63.488
_cell.length_c   114.549
_cell.angle_alpha   90.000
_cell.angle_beta   90.000
_cell.angle_gamma   90.000
#
_symmetry.space_group_name_H-M   'P 21 21 21'
#
loop_
_entity.id
_entity.type
_entity.pdbx_description
1 polymer 'Uncharacterized protein'
2 non-polymer DI(HYDROXYETHYL)ETHER
3 non-polymer 'CHLORIDE ION'
4 water water
#
_entity_poly.entity_id   1
_entity_poly.type   'polypeptide(L)'
_entity_poly.pdbx_seq_one_letter_code
;GALEHEKLVNYIALGEFSRETAEIALKK(MSE)PPLDTLTVHYDLQLYKINYKTQSPDGNLTIASGLVA(MSE)PIHPVG
QVGIISYQHGTRFERNDVPSRNNEKNYIYLAAYGNSAGY(MSE)TV(MSE)PDYLGLGDNELTLHPYVQAETLASSSID
(MSE)LFAAKELANRLHYPISDKLYLAGYSEGGFSTIV(MSE)FE(MSE)LAKEYPDLPVSAVAPGSAPYGWEET(MSE)
HFV(MSE)LEPGPRATAYLAYFFYSLQTYKSYWSGFDEIFAPPYNTLIPEL(MSE)DGYHAVDEILQALPQDPLLIFQPK
FSNGIISKTDRNTEILKINFNHYDFKPTAPLLLVGTKGDRDVPYAGAE(MSE)AYHSFRKYSDFVWIKSVSDALDHVQAH
PFVLKEQVDFFKQFERQEA(MSE)NK
;
_entity_poly.pdbx_strand_id   A
#
loop_
_chem_comp.id
_chem_comp.type
_chem_comp.name
_chem_comp.formula
CL non-polymer 'CHLORIDE ION' 'Cl -1'
PEG non-polymer DI(HYDROXYETHYL)ETHER 'C4 H10 O3'
#
# COMPACT_ATOMS: atom_id res chain seq x y z
N GLU A 6 21.75 4.37 11.69
CA GLU A 6 21.12 3.01 11.82
C GLU A 6 19.61 3.16 12.05
N LYS A 7 18.81 2.49 11.23
CA LYS A 7 17.34 2.51 11.42
C LYS A 7 16.80 1.36 12.21
N LEU A 8 17.44 0.19 12.12
CA LEU A 8 16.96 -0.99 12.82
C LEU A 8 17.14 -0.87 14.32
N VAL A 9 16.06 -0.99 15.08
CA VAL A 9 15.99 -0.89 16.55
CA VAL A 9 16.22 -0.96 16.53
C VAL A 9 15.95 -2.26 17.25
N ASN A 10 15.15 -3.15 16.74
N ASN A 10 15.18 -3.18 16.64
CA ASN A 10 15.19 -4.48 17.29
CA ASN A 10 14.83 -4.49 17.23
C ASN A 10 14.39 -5.38 16.45
C ASN A 10 14.47 -5.51 16.10
N TYR A 11 14.52 -6.66 16.71
N TYR A 11 14.80 -6.78 16.27
CA TYR A 11 13.85 -7.66 15.95
CA TYR A 11 14.24 -7.88 15.46
C TYR A 11 13.60 -8.90 16.72
C TYR A 11 13.89 -9.12 16.35
N ILE A 12 12.67 -9.68 16.20
CA ILE A 12 12.21 -10.92 16.84
C ILE A 12 12.06 -11.97 15.71
N ALA A 13 12.65 -13.15 15.89
CA ALA A 13 12.44 -14.26 14.99
C ALA A 13 11.04 -14.85 15.21
N LEU A 14 10.30 -15.07 14.13
CA LEU A 14 8.95 -15.58 14.18
C LEU A 14 8.81 -17.00 13.67
N GLY A 15 9.91 -17.69 13.48
CA GLY A 15 9.87 -19.04 12.99
C GLY A 15 9.88 -19.06 11.48
N GLU A 16 9.60 -20.24 10.94
CA GLU A 16 9.64 -20.46 9.52
C GLU A 16 8.26 -20.41 8.85
N PHE A 17 8.30 -20.26 7.53
CA PHE A 17 7.14 -20.34 6.70
C PHE A 17 7.48 -21.30 5.57
N SER A 18 6.94 -22.51 5.67
CA SER A 18 7.37 -23.61 4.83
C SER A 18 6.77 -23.58 3.43
N ARG A 19 7.45 -24.30 2.54
CA ARG A 19 6.97 -24.59 1.18
CA ARG A 19 6.92 -24.43 1.19
C ARG A 19 5.57 -25.13 1.18
N GLU A 20 5.33 -26.03 2.11
CA GLU A 20 4.04 -26.72 2.18
C GLU A 20 2.91 -25.78 2.57
N THR A 21 3.16 -24.92 3.56
CA THR A 21 2.19 -23.90 3.98
C THR A 21 1.94 -22.89 2.84
N ALA A 22 3.00 -22.53 2.13
CA ALA A 22 2.91 -21.64 0.99
C ALA A 22 2.06 -22.23 -0.12
N GLU A 23 2.27 -23.50 -0.42
CA GLU A 23 1.52 -24.18 -1.49
CA GLU A 23 1.53 -24.16 -1.50
C GLU A 23 0.02 -24.18 -1.18
N ILE A 24 -0.33 -24.46 0.07
CA ILE A 24 -1.74 -24.42 0.49
C ILE A 24 -2.34 -23.03 0.30
N ALA A 25 -1.57 -21.99 0.61
CA ALA A 25 -2.06 -20.65 0.47
C ALA A 25 -2.25 -20.27 -0.99
N LEU A 26 -1.31 -20.68 -1.85
CA LEU A 26 -1.41 -20.36 -3.27
C LEU A 26 -2.62 -21.04 -3.91
N LYS A 27 -2.91 -22.27 -3.50
CA LYS A 27 -4.03 -23.02 -4.07
C LYS A 27 -5.37 -22.35 -3.78
N LYS A 28 -5.46 -21.59 -2.70
CA LYS A 28 -6.68 -20.88 -2.36
C LYS A 28 -6.96 -19.66 -3.26
N MSE A 29 -5.98 -19.20 -4.05
CA MSE A 29 -6.03 -17.92 -4.75
CA MSE A 29 -6.11 -17.92 -4.78
C MSE A 29 -5.62 -18.04 -6.21
O MSE A 29 -4.63 -17.46 -6.63
CB MSE A 29 -5.06 -16.95 -4.07
CB MSE A 29 -5.40 -16.82 -4.00
CG MSE A 29 -5.51 -16.45 -2.71
CG MSE A 29 -5.99 -16.59 -2.59
SE MSE A 29 -6.94 -15.18 -2.94
SE MSE A 29 -5.30 -15.02 -1.69
CE MSE A 29 -8.22 -16.03 -1.76
CE MSE A 29 -6.15 -13.70 -2.81
N PRO A 30 -6.39 -18.78 -7.04
CA PRO A 30 -6.10 -18.75 -8.47
C PRO A 30 -6.04 -17.30 -8.99
N PRO A 31 -5.11 -16.99 -9.91
CA PRO A 31 -4.25 -17.86 -10.67
C PRO A 31 -2.86 -18.09 -10.04
N LEU A 32 -2.71 -17.76 -8.76
CA LEU A 32 -1.42 -17.90 -8.08
C LEU A 32 -1.08 -19.37 -7.82
N ASP A 33 -2.08 -20.22 -7.93
CA ASP A 33 -1.88 -21.65 -7.80
CA ASP A 33 -1.91 -21.67 -7.83
C ASP A 33 -0.97 -22.22 -8.90
N THR A 34 -0.74 -21.45 -9.96
CA THR A 34 0.13 -21.87 -11.04
C THR A 34 1.62 -21.60 -10.75
N LEU A 35 1.93 -20.89 -9.66
CA LEU A 35 3.33 -20.65 -9.28
C LEU A 35 3.91 -21.91 -8.64
N THR A 36 5.18 -22.15 -8.89
CA THR A 36 5.91 -23.26 -8.30
C THR A 36 6.66 -22.76 -7.05
N VAL A 37 6.57 -23.53 -5.96
CA VAL A 37 7.27 -23.19 -4.73
CA VAL A 37 7.26 -23.19 -4.74
C VAL A 37 8.64 -23.87 -4.71
N HIS A 38 9.66 -23.10 -4.33
CA HIS A 38 11.06 -23.56 -4.32
C HIS A 38 11.75 -23.43 -2.97
N TYR A 39 11.20 -22.65 -2.03
CA TYR A 39 11.89 -22.28 -0.78
C TYR A 39 11.01 -22.35 0.43
N ASP A 40 11.65 -22.61 1.57
CA ASP A 40 11.11 -22.26 2.88
C ASP A 40 11.65 -20.87 3.25
N LEU A 41 10.91 -20.12 4.08
CA LEU A 41 11.38 -18.79 4.51
C LEU A 41 11.62 -18.76 6.01
N GLN A 42 12.58 -17.95 6.45
CA GLN A 42 12.70 -17.53 7.85
C GLN A 42 12.09 -16.14 7.99
N LEU A 43 11.27 -15.97 9.01
CA LEU A 43 10.55 -14.73 9.25
C LEU A 43 11.08 -13.97 10.45
N TYR A 44 11.10 -12.64 10.32
CA TYR A 44 11.45 -11.72 11.39
C TYR A 44 10.46 -10.58 11.42
N LYS A 45 10.03 -10.20 12.61
CA LYS A 45 9.36 -8.91 12.81
C LYS A 45 10.40 -7.91 13.29
N ILE A 46 10.46 -6.76 12.62
CA ILE A 46 11.42 -5.74 12.98
C ILE A 46 10.73 -4.47 13.42
N ASN A 47 11.47 -3.69 14.20
CA ASN A 47 11.12 -2.34 14.56
CA ASN A 47 11.13 -2.33 14.61
C ASN A 47 12.22 -1.40 14.11
N TYR A 48 11.85 -0.23 13.62
CA TYR A 48 12.79 0.67 12.98
C TYR A 48 12.39 2.12 13.19
N LYS A 49 13.39 2.99 13.07
CA LYS A 49 13.21 4.44 13.22
C LYS A 49 12.69 5.07 11.94
N THR A 50 11.71 5.94 12.10
CA THR A 50 11.19 6.71 10.97
C THR A 50 10.54 8.00 11.51
N GLN A 51 10.04 8.85 10.61
CA GLN A 51 9.44 10.12 11.03
C GLN A 51 7.93 10.08 11.04
N SER A 52 7.34 10.72 12.02
CA SER A 52 5.88 10.82 12.13
C SER A 52 5.37 11.92 11.20
N PRO A 53 4.03 12.06 11.05
CA PRO A 53 3.48 13.17 10.26
C PRO A 53 3.92 14.55 10.77
N ASP A 54 4.18 14.67 12.07
CA ASP A 54 4.65 15.93 12.68
C ASP A 54 6.17 16.10 12.66
N GLY A 55 6.89 15.17 12.04
CA GLY A 55 8.35 15.29 11.90
C GLY A 55 9.11 14.96 13.16
N ASN A 56 8.60 14.02 13.94
CA ASN A 56 9.28 13.51 15.12
C ASN A 56 9.64 12.04 14.93
N LEU A 57 10.64 11.59 15.67
CA LEU A 57 11.00 10.18 15.65
C LEU A 57 9.84 9.32 16.14
N THR A 58 9.58 8.23 15.41
CA THR A 58 8.62 7.22 15.82
C THR A 58 9.16 5.85 15.41
N ILE A 59 8.81 4.82 16.18
CA ILE A 59 9.35 3.48 15.94
C ILE A 59 8.23 2.63 15.33
N ALA A 60 8.44 2.21 14.09
CA ALA A 60 7.45 1.48 13.32
C ALA A 60 7.88 0.01 13.15
N SER A 61 6.97 -0.81 12.63
CA SER A 61 7.19 -2.25 12.52
C SER A 61 6.92 -2.79 11.13
N GLY A 62 7.37 -4.00 10.86
CA GLY A 62 7.08 -4.70 9.64
C GLY A 62 7.68 -6.08 9.64
N LEU A 63 7.48 -6.81 8.55
CA LEU A 63 7.93 -8.17 8.38
C LEU A 63 9.05 -8.26 7.36
N VAL A 64 10.04 -9.10 7.66
CA VAL A 64 11.06 -9.49 6.68
C VAL A 64 11.07 -11.01 6.57
N ALA A 65 11.02 -11.53 5.35
CA ALA A 65 11.01 -12.97 5.09
C ALA A 65 12.15 -13.30 4.15
N MSE A 66 13.02 -14.23 4.58
CA MSE A 66 14.25 -14.57 3.90
C MSE A 66 14.21 -16.02 3.42
O MSE A 66 14.20 -16.95 4.25
CB MSE A 66 15.47 -14.40 4.83
CG MSE A 66 15.73 -12.96 5.20
SE MSE A 66 17.08 -12.80 6.60
CE MSE A 66 17.17 -10.86 6.76
N PRO A 67 14.23 -16.25 2.09
CA PRO A 67 14.40 -17.62 1.59
C PRO A 67 15.64 -18.29 2.19
N ILE A 68 15.44 -19.52 2.66
CA ILE A 68 16.51 -20.30 3.25
C ILE A 68 17.14 -21.14 2.07
N HIS A 69 18.45 -21.17 2.01
CA HIS A 69 19.15 -21.86 0.96
C HIS A 69 18.86 -21.37 -0.46
N PRO A 70 19.07 -20.07 -0.70
CA PRO A 70 18.83 -19.55 -2.04
C PRO A 70 19.76 -20.22 -3.08
N VAL A 71 19.22 -20.48 -4.25
CA VAL A 71 19.99 -21.10 -5.37
C VAL A 71 20.71 -20.01 -6.18
N GLY A 72 20.08 -18.85 -6.25
CA GLY A 72 20.68 -17.69 -6.90
C GLY A 72 20.93 -16.58 -5.90
N GLN A 73 21.42 -15.45 -6.38
CA GLN A 73 21.60 -14.30 -5.51
C GLN A 73 20.24 -13.66 -5.31
N VAL A 74 19.96 -13.24 -4.08
CA VAL A 74 18.62 -12.89 -3.63
C VAL A 74 18.32 -11.41 -3.82
N GLY A 75 17.31 -11.14 -4.64
CA GLY A 75 16.77 -9.78 -4.81
C GLY A 75 15.81 -9.45 -3.68
N ILE A 76 15.52 -8.16 -3.51
CA ILE A 76 14.55 -7.69 -2.50
C ILE A 76 13.30 -7.20 -3.18
N ILE A 77 12.14 -7.59 -2.64
CA ILE A 77 10.87 -7.01 -3.03
C ILE A 77 10.27 -6.32 -1.81
N SER A 78 9.94 -5.04 -1.97
CA SER A 78 9.25 -4.29 -0.93
C SER A 78 7.80 -4.25 -1.33
N TYR A 79 6.93 -4.86 -0.52
CA TYR A 79 5.53 -4.97 -0.78
C TYR A 79 4.74 -4.13 0.23
N GLN A 80 3.95 -3.21 -0.31
CA GLN A 80 3.17 -2.25 0.47
C GLN A 80 1.70 -2.67 0.45
N HIS A 81 1.18 -3.01 1.62
CA HIS A 81 -0.17 -3.55 1.77
C HIS A 81 -1.28 -2.54 1.52
N GLY A 82 -2.48 -3.07 1.30
CA GLY A 82 -3.65 -2.24 1.08
C GLY A 82 -4.29 -1.74 2.37
N THR A 83 -5.47 -1.18 2.27
CA THR A 83 -6.11 -0.52 3.42
C THR A 83 -6.35 -1.53 4.53
N ARG A 84 -5.88 -1.19 5.72
CA ARG A 84 -6.16 -1.95 6.91
C ARG A 84 -6.70 -1.01 7.96
N PHE A 85 -7.86 -1.37 8.50
CA PHE A 85 -8.53 -0.63 9.54
C PHE A 85 -8.22 -1.15 10.96
N GLU A 86 -7.66 -2.36 11.03
CA GLU A 86 -7.32 -3.04 12.26
C GLU A 86 -5.83 -2.98 12.50
N ARG A 87 -5.45 -2.55 13.69
CA ARG A 87 -4.04 -2.39 14.06
C ARG A 87 -3.22 -3.64 13.78
N ASN A 88 -3.77 -4.79 14.15
CA ASN A 88 -3.04 -6.03 14.12
C ASN A 88 -3.16 -6.81 12.82
N ASP A 89 -3.95 -6.32 11.87
CA ASP A 89 -4.08 -7.03 10.59
C ASP A 89 -3.05 -6.51 9.59
N VAL A 90 -1.76 -6.72 9.91
CA VAL A 90 -0.66 -6.15 9.17
C VAL A 90 0.44 -7.21 9.05
N PRO A 91 1.37 -7.03 8.11
CA PRO A 91 2.32 -8.11 7.82
C PRO A 91 3.17 -8.61 8.99
N SER A 92 3.53 -7.75 9.94
CA SER A 92 4.37 -8.21 11.04
C SER A 92 3.70 -9.28 11.89
N ARG A 93 2.37 -9.42 11.80
CA ARG A 93 1.67 -10.48 12.49
C ARG A 93 1.58 -11.78 11.68
N ASN A 94 1.85 -11.69 10.39
CA ASN A 94 1.74 -12.82 9.49
C ASN A 94 0.56 -13.75 9.76
N ASN A 95 -0.65 -13.20 9.65
CA ASN A 95 -1.83 -14.02 9.71
C ASN A 95 -2.06 -14.69 8.35
N GLU A 96 -3.06 -15.57 8.29
CA GLU A 96 -3.26 -16.37 7.08
C GLU A 96 -3.54 -15.49 5.85
N LYS A 97 -4.15 -14.32 6.05
CA LYS A 97 -4.39 -13.39 4.96
CA LYS A 97 -4.39 -13.36 4.98
C LYS A 97 -3.09 -12.82 4.37
N ASN A 98 -2.01 -12.83 5.13
CA ASN A 98 -0.70 -12.38 4.66
C ASN A 98 0.05 -13.46 3.88
N TYR A 99 -0.39 -14.72 3.99
CA TYR A 99 0.39 -15.82 3.47
C TYR A 99 0.64 -15.70 1.96
N ILE A 100 -0.35 -15.24 1.22
CA ILE A 100 -0.21 -15.24 -0.23
C ILE A 100 0.96 -14.38 -0.70
N TYR A 101 1.25 -13.30 0.00
CA TYR A 101 2.36 -12.41 -0.37
C TYR A 101 3.69 -13.09 -0.16
N LEU A 102 3.84 -13.76 0.98
CA LEU A 102 5.03 -14.55 1.24
C LEU A 102 5.20 -15.71 0.25
N ALA A 103 4.10 -16.39 -0.03
CA ALA A 103 4.13 -17.55 -0.90
C ALA A 103 4.56 -17.17 -2.31
N ALA A 104 3.96 -16.11 -2.83
CA ALA A 104 4.24 -15.69 -4.20
C ALA A 104 5.64 -15.10 -4.36
N TYR A 105 5.96 -14.14 -3.50
CA TYR A 105 7.22 -13.40 -3.65
C TYR A 105 8.42 -14.10 -3.05
N GLY A 106 8.20 -14.84 -1.97
CA GLY A 106 9.25 -15.48 -1.21
C GLY A 106 9.39 -16.95 -1.56
N ASN A 107 8.41 -17.76 -1.19
CA ASN A 107 8.55 -19.20 -1.41
C ASN A 107 8.66 -19.57 -2.87
N SER A 108 7.94 -18.87 -3.75
CA SER A 108 8.02 -19.12 -5.17
C SER A 108 9.10 -18.27 -5.84
N ALA A 109 8.94 -16.94 -5.82
CA ALA A 109 9.86 -16.12 -6.63
C ALA A 109 11.28 -16.08 -6.07
N GLY A 110 11.44 -16.39 -4.79
CA GLY A 110 12.75 -16.42 -4.16
C GLY A 110 13.34 -15.08 -3.74
N TYR A 111 12.48 -14.08 -3.54
CA TYR A 111 12.93 -12.77 -3.13
C TYR A 111 12.86 -12.64 -1.61
N MSE A 112 13.80 -11.87 -1.06
CA MSE A 112 13.67 -11.38 0.30
C MSE A 112 12.52 -10.40 0.34
O MSE A 112 12.57 -9.39 -0.37
CB MSE A 112 14.97 -10.77 0.78
CG MSE A 112 14.84 -10.22 2.22
SE MSE A 112 16.52 -9.62 2.97
CE MSE A 112 16.17 -7.76 3.10
N THR A 113 11.48 -10.73 1.08
CA THR A 113 10.19 -10.03 1.02
C THR A 113 10.09 -9.13 2.25
N VAL A 114 9.95 -7.83 2.00
CA VAL A 114 10.00 -6.77 3.01
C VAL A 114 8.66 -6.08 2.99
N MSE A 115 7.97 -6.03 4.14
CA MSE A 115 6.58 -5.61 4.20
C MSE A 115 6.38 -4.66 5.38
O MSE A 115 6.26 -5.12 6.52
CB MSE A 115 5.65 -6.81 4.32
CG MSE A 115 5.88 -7.85 3.25
SE MSE A 115 4.64 -9.33 3.36
CE MSE A 115 3.08 -8.42 2.75
N PRO A 116 6.30 -3.36 5.12
CA PRO A 116 6.05 -2.42 6.23
C PRO A 116 4.61 -2.58 6.76
N ASP A 117 4.42 -2.33 8.05
CA ASP A 117 3.07 -2.26 8.58
C ASP A 117 2.37 -0.94 8.32
N TYR A 118 3.16 0.12 8.23
CA TYR A 118 2.77 1.55 8.17
C TYR A 118 2.60 2.13 9.57
N LEU A 119 2.71 3.45 9.66
CA LEU A 119 2.47 4.17 10.91
C LEU A 119 1.05 3.97 11.39
N GLY A 120 0.89 3.96 12.71
CA GLY A 120 -0.40 3.81 13.34
C GLY A 120 -0.90 2.38 13.40
N LEU A 121 -0.12 1.44 12.88
CA LEU A 121 -0.53 0.04 12.81
C LEU A 121 0.62 -0.80 13.39
N GLY A 122 0.36 -2.09 13.58
CA GLY A 122 1.37 -2.97 14.17
C GLY A 122 1.79 -2.50 15.55
N ASP A 123 3.10 -2.43 15.75
CA ASP A 123 3.65 -2.04 17.04
C ASP A 123 3.80 -0.52 17.18
N ASN A 124 3.51 0.25 16.14
CA ASN A 124 3.78 1.69 16.18
C ASN A 124 2.87 2.40 17.18
N GLU A 125 3.44 3.32 17.95
CA GLU A 125 2.70 3.91 19.05
CA GLU A 125 2.71 3.93 19.05
C GLU A 125 1.71 5.02 18.62
N LEU A 126 1.84 5.55 17.41
CA LEU A 126 0.83 6.51 16.96
C LEU A 126 -0.51 5.80 16.95
N THR A 127 -1.54 6.53 17.34
CA THR A 127 -2.83 5.91 17.61
C THR A 127 -3.68 5.68 16.36
N LEU A 128 -3.32 6.31 15.25
CA LEU A 128 -4.14 6.29 14.03
C LEU A 128 -3.24 6.23 12.83
N HIS A 129 -3.54 5.36 11.87
CA HIS A 129 -2.79 5.33 10.63
C HIS A 129 -3.01 6.61 9.83
N PRO A 130 -1.93 7.26 9.35
CA PRO A 130 -2.05 8.38 8.39
C PRO A 130 -2.35 7.83 7.00
N TYR A 131 -3.63 7.84 6.65
CA TYR A 131 -4.17 7.02 5.57
C TYR A 131 -4.07 7.74 4.23
N VAL A 132 -3.41 7.11 3.26
CA VAL A 132 -3.21 7.72 1.93
C VAL A 132 -2.58 9.11 2.09
N GLN A 133 -1.61 9.22 3.00
CA GLN A 133 -0.80 10.41 3.19
C GLN A 133 0.59 10.14 2.61
N ALA A 134 0.86 10.77 1.47
CA ALA A 134 2.03 10.45 0.67
C ALA A 134 3.34 10.56 1.44
N GLU A 135 3.52 11.63 2.22
CA GLU A 135 4.82 11.87 2.80
C GLU A 135 5.29 10.72 3.67
N THR A 136 4.43 10.28 4.59
CA THR A 136 4.78 9.24 5.52
C THR A 136 4.60 7.83 4.96
N LEU A 137 3.69 7.60 4.03
CA LEU A 137 3.69 6.29 3.38
C LEU A 137 5.04 6.07 2.68
N ALA A 138 5.56 7.11 2.03
CA ALA A 138 6.83 7.01 1.33
C ALA A 138 7.98 6.81 2.32
N SER A 139 8.09 7.68 3.32
CA SER A 139 9.24 7.61 4.21
C SER A 139 9.20 6.35 5.07
N SER A 140 8.02 5.95 5.57
CA SER A 140 7.93 4.76 6.38
C SER A 140 8.31 3.51 5.58
N SER A 141 7.98 3.49 4.30
CA SER A 141 8.30 2.33 3.47
C SER A 141 9.80 2.30 3.12
N ILE A 142 10.37 3.46 2.82
CA ILE A 142 11.83 3.52 2.55
C ILE A 142 12.64 3.13 3.78
N ASP A 143 12.25 3.67 4.93
CA ASP A 143 12.99 3.38 6.16
C ASP A 143 12.89 1.90 6.55
N MSE A 144 11.73 1.29 6.29
CA MSE A 144 11.57 -0.17 6.47
C MSE A 144 12.57 -0.93 5.60
O MSE A 144 13.22 -1.85 6.04
CB MSE A 144 10.14 -0.58 6.14
CG MSE A 144 9.91 -2.08 6.13
SE MSE A 144 9.83 -2.82 7.90
CE MSE A 144 10.05 -4.65 7.35
N LEU A 145 12.69 -0.52 4.34
CA LEU A 145 13.60 -1.17 3.41
C LEU A 145 15.04 -1.09 3.92
N PHE A 146 15.45 0.10 4.34
CA PHE A 146 16.81 0.28 4.85
CA PHE A 146 16.83 0.23 4.82
C PHE A 146 17.05 -0.59 6.09
N ALA A 147 16.07 -0.60 6.99
CA ALA A 147 16.19 -1.43 8.20
C ALA A 147 16.27 -2.92 7.86
N ALA A 148 15.55 -3.35 6.85
CA ALA A 148 15.60 -4.73 6.42
C ALA A 148 16.97 -5.09 5.85
N LYS A 149 17.57 -4.16 5.12
CA LYS A 149 18.91 -4.37 4.62
C LYS A 149 19.92 -4.44 5.75
N GLU A 150 19.73 -3.63 6.78
CA GLU A 150 20.57 -3.75 7.97
C GLU A 150 20.46 -5.14 8.61
N LEU A 151 19.24 -5.65 8.69
CA LEU A 151 19.04 -7.02 9.22
C LEU A 151 19.80 -8.04 8.40
N ALA A 152 19.66 -7.95 7.09
CA ALA A 152 20.36 -8.91 6.23
C ALA A 152 21.87 -8.81 6.44
N ASN A 153 22.41 -7.61 6.62
CA ASN A 153 23.87 -7.45 6.87
C ASN A 153 24.24 -8.11 8.20
N ARG A 154 23.44 -7.87 9.22
CA ARG A 154 23.71 -8.45 10.54
C ARG A 154 23.68 -9.97 10.52
N LEU A 155 22.86 -10.55 9.65
CA LEU A 155 22.71 -12.00 9.54
C LEU A 155 23.59 -12.64 8.47
N HIS A 156 24.43 -11.84 7.83
CA HIS A 156 25.30 -12.28 6.74
C HIS A 156 24.50 -12.93 5.62
N TYR A 157 23.35 -12.34 5.30
CA TYR A 157 22.48 -12.86 4.25
C TYR A 157 22.79 -12.08 3.01
N PRO A 158 23.47 -12.67 2.03
CA PRO A 158 23.83 -11.78 0.94
C PRO A 158 22.65 -11.56 0.02
N ILE A 159 22.55 -10.36 -0.44
CA ILE A 159 21.51 -9.95 -1.34
C ILE A 159 22.18 -9.39 -2.58
N SER A 160 21.45 -9.37 -3.67
CA SER A 160 21.91 -8.74 -4.90
C SER A 160 21.51 -7.27 -4.88
N ASP A 161 21.71 -6.59 -5.99
CA ASP A 161 21.24 -5.21 -6.13
C ASP A 161 19.87 -5.11 -6.79
N LYS A 162 19.23 -6.25 -7.06
CA LYS A 162 17.87 -6.23 -7.63
C LYS A 162 16.88 -5.79 -6.54
N LEU A 163 16.04 -4.82 -6.89
CA LEU A 163 15.05 -4.24 -5.99
C LEU A 163 13.74 -4.02 -6.74
N TYR A 164 12.68 -4.63 -6.24
CA TYR A 164 11.37 -4.57 -6.87
C TYR A 164 10.38 -3.93 -5.89
N LEU A 165 9.48 -3.08 -6.38
CA LEU A 165 8.52 -2.40 -5.50
C LEU A 165 7.11 -2.73 -5.99
N ALA A 166 6.24 -3.23 -5.11
CA ALA A 166 4.84 -3.53 -5.47
C ALA A 166 3.93 -3.25 -4.29
N GLY A 167 2.64 -3.16 -4.58
CA GLY A 167 1.66 -3.03 -3.54
C GLY A 167 0.28 -3.08 -4.16
N TYR A 168 -0.76 -3.01 -3.33
CA TYR A 168 -2.14 -3.05 -3.85
C TYR A 168 -2.95 -1.99 -3.14
N SER A 169 -3.81 -1.32 -3.90
CA SER A 169 -4.84 -0.41 -3.35
C SER A 169 -4.12 0.74 -2.65
N GLU A 170 -4.36 1.01 -1.37
CA GLU A 170 -3.55 2.03 -0.68
C GLU A 170 -2.06 1.78 -0.94
N GLY A 171 -1.67 0.52 -0.95
CA GLY A 171 -0.28 0.16 -1.20
C GLY A 171 0.24 0.38 -2.59
N GLY A 172 -0.67 0.45 -3.55
CA GLY A 172 -0.26 0.89 -4.88
C GLY A 172 0.16 2.35 -4.85
N PHE A 173 -0.61 3.16 -4.14
CA PHE A 173 -0.24 4.55 -3.89
C PHE A 173 1.08 4.63 -3.11
N SER A 174 1.21 3.85 -2.05
CA SER A 174 2.45 3.85 -1.28
C SER A 174 3.64 3.51 -2.17
N THR A 175 3.47 2.54 -3.06
CA THR A 175 4.52 2.12 -3.96
C THR A 175 4.97 3.27 -4.87
N ILE A 176 4.01 3.98 -5.46
CA ILE A 176 4.33 5.10 -6.34
C ILE A 176 5.06 6.22 -5.58
N VAL A 177 4.59 6.57 -4.39
CA VAL A 177 5.24 7.66 -3.64
C VAL A 177 6.61 7.24 -3.09
N MSE A 178 6.75 5.96 -2.73
CA MSE A 178 8.05 5.41 -2.36
C MSE A 178 9.03 5.51 -3.54
O MSE A 178 10.17 5.92 -3.37
CB MSE A 178 7.85 3.94 -1.96
CG MSE A 178 9.14 3.23 -1.61
SE MSE A 178 8.80 1.37 -1.25
CE MSE A 178 10.56 0.99 -0.58
N PHE A 179 8.57 5.09 -4.71
CA PHE A 179 9.39 5.15 -5.93
C PHE A 179 9.86 6.59 -6.22
N GLU A 180 8.93 7.55 -6.13
CA GLU A 180 9.23 8.93 -6.36
C GLU A 180 10.29 9.42 -5.40
N MSE A 181 10.13 9.11 -4.12
CA MSE A 181 11.03 9.57 -3.08
C MSE A 181 12.40 8.90 -3.17
O MSE A 181 13.41 9.55 -2.90
CB MSE A 181 10.41 9.39 -1.70
CG MSE A 181 11.23 10.00 -0.57
SE MSE A 181 10.39 9.86 1.17
CE MSE A 181 9.02 11.25 0.99
N LEU A 182 12.44 7.63 -3.53
CA LEU A 182 13.72 6.97 -3.77
C LEU A 182 14.50 7.67 -4.89
N ALA A 183 13.82 7.96 -6.00
CA ALA A 183 14.46 8.61 -7.13
C ALA A 183 14.96 10.00 -6.74
N LYS A 184 14.21 10.72 -5.92
CA LYS A 184 14.57 12.08 -5.53
C LYS A 184 15.66 12.10 -4.46
N GLU A 185 15.47 11.34 -3.38
CA GLU A 185 16.31 11.44 -2.18
C GLU A 185 17.41 10.40 -2.09
N TYR A 186 17.25 9.29 -2.82
CA TYR A 186 18.22 8.20 -2.82
C TYR A 186 18.54 7.83 -4.26
N PRO A 187 19.02 8.80 -5.06
CA PRO A 187 19.21 8.55 -6.50
C PRO A 187 20.21 7.46 -6.86
N ASP A 188 21.13 7.14 -5.93
CA ASP A 188 22.16 6.12 -6.17
C ASP A 188 21.76 4.72 -5.73
N LEU A 189 20.51 4.55 -5.29
CA LEU A 189 19.99 3.21 -4.98
C LEU A 189 19.24 2.70 -6.21
N PRO A 190 19.76 1.65 -6.89
CA PRO A 190 19.05 1.19 -8.08
C PRO A 190 17.72 0.54 -7.76
N VAL A 191 16.71 0.87 -8.58
CA VAL A 191 15.41 0.24 -8.50
C VAL A 191 15.24 -0.52 -9.82
N SER A 192 14.88 -1.80 -9.75
CA SER A 192 14.82 -2.70 -10.91
C SER A 192 13.48 -2.70 -11.63
N ALA A 193 12.38 -2.61 -10.89
CA ALA A 193 11.05 -2.63 -11.50
C ALA A 193 10.04 -2.25 -10.43
N VAL A 194 8.94 -1.64 -10.87
CA VAL A 194 7.90 -1.10 -9.99
C VAL A 194 6.54 -1.49 -10.59
N ALA A 195 5.63 -2.02 -9.78
CA ALA A 195 4.35 -2.48 -10.28
C ALA A 195 3.23 -2.20 -9.25
N PRO A 196 2.74 -0.95 -9.16
CA PRO A 196 1.60 -0.64 -8.31
C PRO A 196 0.35 -1.32 -8.83
N GLY A 197 -0.37 -2.00 -7.93
CA GLY A 197 -1.59 -2.69 -8.25
C GLY A 197 -2.82 -1.94 -7.79
N SER A 198 -3.76 -1.72 -8.72
CA SER A 198 -5.05 -1.11 -8.44
C SER A 198 -4.93 0.10 -7.51
N ALA A 199 -4.05 1.02 -7.88
CA ALA A 199 -3.83 2.20 -7.05
C ALA A 199 -4.85 3.28 -7.36
N PRO A 200 -5.13 4.15 -6.38
CA PRO A 200 -5.86 5.40 -6.66
C PRO A 200 -4.93 6.39 -7.30
N TYR A 201 -5.37 6.98 -8.42
CA TYR A 201 -4.63 8.00 -9.10
C TYR A 201 -5.52 9.22 -9.32
N GLY A 202 -5.03 10.36 -8.85
CA GLY A 202 -5.67 11.65 -9.09
C GLY A 202 -6.67 12.02 -8.03
N TRP A 203 -6.50 13.20 -7.46
CA TRP A 203 -7.39 13.68 -6.41
C TRP A 203 -8.82 13.83 -6.95
N GLU A 204 -8.99 14.59 -8.02
CA GLU A 204 -10.33 14.80 -8.56
C GLU A 204 -10.95 13.49 -9.04
N GLU A 205 -10.18 12.70 -9.77
CA GLU A 205 -10.67 11.43 -10.31
C GLU A 205 -11.13 10.49 -9.19
N THR A 206 -10.30 10.36 -8.17
CA THR A 206 -10.62 9.47 -7.08
C THR A 206 -11.80 9.99 -6.25
N MSE A 207 -11.80 11.28 -5.90
CA MSE A 207 -12.91 11.80 -5.11
C MSE A 207 -14.23 11.62 -5.83
O MSE A 207 -15.24 11.28 -5.23
CB MSE A 207 -12.71 13.26 -4.72
CG MSE A 207 -11.70 13.43 -3.62
SE MSE A 207 -12.16 12.54 -1.96
CE MSE A 207 -10.93 11.05 -2.12
N HIS A 208 -14.27 11.94 -7.12
CA HIS A 208 -15.53 11.79 -7.85
C HIS A 208 -16.00 10.34 -7.79
N PHE A 209 -15.08 9.39 -8.04
CA PHE A 209 -15.44 8.01 -8.13
C PHE A 209 -15.94 7.48 -6.78
N VAL A 210 -15.22 7.79 -5.71
CA VAL A 210 -15.53 7.22 -4.42
C VAL A 210 -16.76 7.89 -3.81
N MSE A 211 -16.91 9.21 -3.99
CA MSE A 211 -18.05 9.91 -3.43
CA MSE A 211 -18.04 9.92 -3.44
C MSE A 211 -19.34 9.68 -4.21
O MSE A 211 -20.39 9.56 -3.62
CB MSE A 211 -17.79 11.40 -3.36
CB MSE A 211 -17.74 11.40 -3.43
CG MSE A 211 -16.75 11.78 -2.34
CG MSE A 211 -18.72 12.23 -2.62
SE MSE A 211 -16.87 13.64 -1.83
SE MSE A 211 -18.25 12.25 -0.73
CE MSE A 211 -16.15 13.49 -0.05
CE MSE A 211 -16.95 13.68 -0.62
N LEU A 212 -19.23 9.68 -5.56
CA LEU A 212 -20.44 9.67 -6.42
C LEU A 212 -20.69 8.38 -7.17
N GLU A 213 -19.71 7.48 -7.24
CA GLU A 213 -19.93 6.13 -7.75
C GLU A 213 -19.49 5.12 -6.67
N PRO A 214 -20.04 5.24 -5.46
CA PRO A 214 -19.47 4.47 -4.36
C PRO A 214 -19.62 2.97 -4.51
N GLY A 215 -18.50 2.28 -4.45
CA GLY A 215 -18.49 0.82 -4.35
C GLY A 215 -18.75 0.40 -2.90
N PRO A 216 -18.58 -0.89 -2.61
CA PRO A 216 -19.00 -1.45 -1.32
C PRO A 216 -18.19 -0.95 -0.11
N ARG A 217 -17.02 -0.36 -0.33
CA ARG A 217 -16.14 0.09 0.75
C ARG A 217 -15.91 1.59 0.75
N ALA A 218 -16.57 2.31 -0.15
CA ALA A 218 -16.30 3.74 -0.37
C ALA A 218 -16.49 4.58 0.87
N THR A 219 -17.60 4.39 1.57
CA THR A 219 -17.83 5.20 2.74
C THR A 219 -16.74 4.99 3.79
N ALA A 220 -16.37 3.73 4.00
CA ALA A 220 -15.30 3.40 4.96
C ALA A 220 -13.99 4.07 4.55
N TYR A 221 -13.61 4.00 3.28
CA TYR A 221 -12.39 4.63 2.82
C TYR A 221 -12.42 6.15 3.12
N LEU A 222 -13.52 6.80 2.79
CA LEU A 222 -13.62 8.25 2.94
C LEU A 222 -13.64 8.64 4.40
N ALA A 223 -14.35 7.87 5.22
CA ALA A 223 -14.36 8.13 6.66
C ALA A 223 -12.92 8.06 7.22
N TYR A 224 -12.21 7.00 6.83
CA TYR A 224 -10.82 6.83 7.30
C TYR A 224 -9.95 7.99 6.84
N PHE A 225 -10.08 8.34 5.56
CA PHE A 225 -9.23 9.34 4.99
C PHE A 225 -9.39 10.71 5.65
N PHE A 226 -10.63 11.19 5.73
CA PHE A 226 -10.84 12.51 6.30
C PHE A 226 -10.67 12.55 7.81
N TYR A 227 -11.01 11.45 8.50
CA TYR A 227 -10.75 11.39 9.94
C TYR A 227 -9.25 11.48 10.21
N SER A 228 -8.47 10.71 9.48
CA SER A 228 -7.02 10.69 9.65
C SER A 228 -6.38 12.01 9.22
N LEU A 229 -6.83 12.58 8.09
CA LEU A 229 -6.24 13.82 7.65
C LEU A 229 -6.52 14.97 8.61
N GLN A 230 -7.77 15.08 9.07
CA GLN A 230 -8.10 16.14 10.03
C GLN A 230 -7.34 15.89 11.34
N THR A 231 -7.22 14.65 11.78
CA THR A 231 -6.46 14.34 13.00
C THR A 231 -5.02 14.86 12.93
N TYR A 232 -4.35 14.58 11.83
CA TYR A 232 -2.92 14.92 11.74
C TYR A 232 -2.65 16.33 11.24
N LYS A 233 -3.53 16.89 10.42
CA LYS A 233 -3.25 18.16 9.73
C LYS A 233 -4.21 19.31 10.06
N SER A 234 -5.39 19.00 10.61
CA SER A 234 -6.36 20.01 10.98
CA SER A 234 -6.32 20.05 11.01
C SER A 234 -6.61 21.05 9.89
N TYR A 235 -6.83 20.58 8.67
CA TYR A 235 -7.10 21.48 7.56
C TYR A 235 -8.49 22.13 7.65
N TRP A 236 -9.40 21.51 8.39
CA TRP A 236 -10.75 22.04 8.58
C TRP A 236 -10.92 22.52 10.02
N SER A 237 -12.05 23.16 10.32
CA SER A 237 -12.21 23.77 11.64
C SER A 237 -12.33 22.73 12.74
N GLY A 238 -12.91 21.59 12.41
CA GLY A 238 -13.08 20.50 13.33
C GLY A 238 -13.79 19.34 12.63
N PHE A 239 -14.00 18.27 13.37
CA PHE A 239 -14.61 17.09 12.80
C PHE A 239 -16.07 17.32 12.43
N ASP A 240 -16.74 18.27 13.08
CA ASP A 240 -18.17 18.50 12.84
C ASP A 240 -18.44 19.33 11.61
N GLU A 241 -17.42 19.99 11.08
CA GLU A 241 -17.51 20.62 9.77
C GLU A 241 -17.56 19.52 8.69
N ILE A 242 -16.82 18.44 8.92
CA ILE A 242 -16.66 17.35 7.96
C ILE A 242 -17.83 16.38 8.05
N PHE A 243 -18.04 15.79 9.22
CA PHE A 243 -18.91 14.64 9.41
C PHE A 243 -20.24 15.04 10.03
N ALA A 244 -21.33 14.60 9.40
CA ALA A 244 -22.68 14.77 9.91
C ALA A 244 -22.91 13.85 11.11
N PRO A 245 -23.77 14.26 12.04
CA PRO A 245 -24.03 13.43 13.20
C PRO A 245 -24.86 12.20 12.80
N PRO A 246 -24.68 11.08 13.51
CA PRO A 246 -23.73 10.85 14.61
C PRO A 246 -22.35 10.35 14.16
N TYR A 247 -22.06 10.42 12.86
CA TYR A 247 -20.82 9.90 12.31
C TYR A 247 -19.59 10.65 12.79
N ASN A 248 -19.79 11.90 13.18
CA ASN A 248 -18.74 12.69 13.79
C ASN A 248 -18.15 12.06 15.03
N THR A 249 -18.96 11.32 15.80
CA THR A 249 -18.44 10.61 16.98
C THR A 249 -18.32 9.10 16.74
N LEU A 250 -19.13 8.52 15.85
CA LEU A 250 -19.03 7.10 15.56
C LEU A 250 -17.75 6.76 14.83
N ILE A 251 -17.36 7.56 13.84
CA ILE A 251 -16.18 7.26 13.05
C ILE A 251 -14.92 7.12 13.91
N PRO A 252 -14.68 8.06 14.83
CA PRO A 252 -13.50 7.87 15.70
C PRO A 252 -13.48 6.54 16.46
N GLU A 253 -14.64 6.07 16.89
CA GLU A 253 -14.76 4.77 17.55
C GLU A 253 -14.44 3.63 16.56
N LEU A 254 -15.05 3.66 15.40
CA LEU A 254 -14.86 2.61 14.40
C LEU A 254 -13.41 2.51 13.95
N MSE A 255 -12.70 3.65 13.96
CA MSE A 255 -11.34 3.69 13.49
C MSE A 255 -10.29 3.53 14.58
O MSE A 255 -9.15 3.87 14.37
CB MSE A 255 -11.08 5.00 12.68
CG MSE A 255 -12.02 5.21 11.52
SE MSE A 255 -11.79 3.94 10.15
CE MSE A 255 -13.56 4.12 9.28
N ASP A 256 -10.67 2.92 15.70
CA ASP A 256 -9.78 2.77 16.85
C ASP A 256 -8.72 1.70 16.68
N GLY A 257 -8.79 0.91 15.61
CA GLY A 257 -7.86 -0.17 15.34
C GLY A 257 -8.32 -1.53 15.84
N TYR A 258 -9.49 -1.59 16.48
CA TYR A 258 -9.99 -2.82 17.12
C TYR A 258 -11.40 -3.16 16.67
N HIS A 259 -11.86 -2.56 15.58
CA HIS A 259 -13.11 -2.97 14.95
C HIS A 259 -12.81 -3.75 13.71
N ALA A 260 -13.39 -4.94 13.59
CA ALA A 260 -13.25 -5.75 12.41
C ALA A 260 -13.81 -4.99 11.20
N VAL A 261 -13.15 -5.12 10.06
CA VAL A 261 -13.56 -4.39 8.90
C VAL A 261 -15.05 -4.66 8.52
N ASP A 262 -15.55 -5.87 8.67
CA ASP A 262 -16.96 -6.12 8.34
CA ASP A 262 -16.96 -6.11 8.34
C ASP A 262 -17.91 -5.33 9.28
N GLU A 263 -17.50 -5.15 10.54
CA GLU A 263 -18.30 -4.38 11.47
C GLU A 263 -18.32 -2.91 11.08
N ILE A 264 -17.18 -2.39 10.62
CA ILE A 264 -17.09 -1.02 10.15
C ILE A 264 -18.00 -0.80 8.97
N LEU A 265 -17.94 -1.72 8.01
CA LEU A 265 -18.77 -1.59 6.81
C LEU A 265 -20.25 -1.65 7.14
N GLN A 266 -20.63 -2.48 8.11
CA GLN A 266 -22.04 -2.58 8.50
CA GLN A 266 -22.04 -2.58 8.51
C GLN A 266 -22.55 -1.35 9.26
N ALA A 267 -21.67 -0.67 10.00
CA ALA A 267 -22.05 0.52 10.79
C ALA A 267 -22.21 1.78 9.96
N LEU A 268 -21.65 1.81 8.77
CA LEU A 268 -21.64 3.01 7.95
C LEU A 268 -22.61 2.83 6.78
N PRO A 269 -23.25 3.93 6.37
CA PRO A 269 -24.10 3.83 5.18
C PRO A 269 -23.30 3.54 3.90
N GLN A 270 -23.96 2.94 2.94
CA GLN A 270 -23.33 2.67 1.65
C GLN A 270 -23.11 3.92 0.80
N ASP A 271 -23.97 4.94 0.98
CA ASP A 271 -23.82 6.22 0.29
C ASP A 271 -22.98 7.16 1.14
N PRO A 272 -21.73 7.45 0.71
CA PRO A 272 -20.86 8.26 1.54
C PRO A 272 -21.40 9.64 1.81
N LEU A 273 -22.25 10.17 0.93
CA LEU A 273 -22.74 11.52 1.19
C LEU A 273 -23.46 11.61 2.53
N LEU A 274 -24.00 10.50 3.03
CA LEU A 274 -24.77 10.51 4.29
C LEU A 274 -23.85 10.73 5.51
N ILE A 275 -22.55 10.50 5.40
CA ILE A 275 -21.66 10.73 6.56
C ILE A 275 -21.12 12.14 6.63
N PHE A 276 -21.34 12.96 5.59
CA PHE A 276 -20.74 14.28 5.51
C PHE A 276 -21.75 15.38 5.64
N GLN A 277 -21.32 16.51 6.17
CA GLN A 277 -22.09 17.73 5.99
C GLN A 277 -22.12 18.06 4.48
N PRO A 278 -23.29 18.47 3.95
CA PRO A 278 -23.35 18.74 2.51
C PRO A 278 -22.41 19.84 2.02
N LYS A 279 -22.21 20.87 2.81
N LYS A 279 -22.17 20.91 2.79
CA LYS A 279 -21.30 21.89 2.38
CA LYS A 279 -21.21 21.94 2.33
C LYS A 279 -19.94 21.25 2.09
C LYS A 279 -19.84 21.30 2.14
N PHE A 280 -19.39 20.52 3.08
N PHE A 280 -19.59 20.29 2.96
CA PHE A 280 -18.05 19.91 2.98
CA PHE A 280 -18.35 19.60 2.84
C PHE A 280 -17.85 18.97 1.77
C PHE A 280 -18.39 18.71 1.61
N SER A 281 -18.75 18.01 1.61
N SER A 281 -19.40 17.86 1.49
CA SER A 281 -18.58 17.04 0.54
CA SER A 281 -19.43 16.95 0.36
C SER A 281 -18.67 17.72 -0.81
C SER A 281 -19.66 17.68 -0.95
N ASN A 282 -19.58 18.67 -0.94
N ASN A 282 -20.53 18.68 -0.95
CA ASN A 282 -19.71 19.37 -2.20
CA ASN A 282 -20.73 19.46 -2.17
C ASN A 282 -18.44 20.15 -2.53
C ASN A 282 -19.44 20.13 -2.62
N GLY A 283 -17.83 20.76 -1.51
N GLY A 283 -18.67 20.63 -1.66
CA GLY A 283 -16.63 21.53 -1.70
CA GLY A 283 -17.40 21.28 -1.96
C GLY A 283 -15.47 20.67 -2.15
C GLY A 283 -16.39 20.32 -2.58
N ILE A 284 -15.41 19.47 -1.61
N ILE A 284 -16.33 19.09 -2.06
CA ILE A 284 -14.39 18.54 -2.05
CA ILE A 284 -15.52 18.07 -2.70
C ILE A 284 -14.57 18.20 -3.51
C ILE A 284 -16.04 17.75 -4.12
N ILE A 285 -15.79 17.82 -3.87
N ILE A 285 -17.35 17.55 -4.24
CA ILE A 285 -16.09 17.39 -5.23
CA ILE A 285 -17.94 17.24 -5.54
C ILE A 285 -15.86 18.52 -6.22
C ILE A 285 -17.62 18.33 -6.58
N SER A 286 -16.28 19.72 -5.84
N SER A 286 -17.57 19.59 -6.14
CA SER A 286 -16.22 20.84 -6.77
CA SER A 286 -17.35 20.74 -7.06
C SER A 286 -14.84 21.49 -6.83
C SER A 286 -15.92 21.32 -7.14
N LYS A 287 -13.89 20.91 -6.10
N LYS A 287 -14.97 20.79 -6.36
CA LYS A 287 -12.59 21.52 -5.92
CA LYS A 287 -13.55 21.29 -6.33
C LYS A 287 -12.76 22.93 -5.45
C LYS A 287 -13.23 22.75 -5.83
N THR A 288 -13.88 23.18 -4.74
CA THR A 288 -13.93 24.48 -4.13
C THR A 288 -13.63 24.44 -2.63
N ASP A 289 -13.32 23.26 -2.08
CA ASP A 289 -12.85 23.19 -0.71
C ASP A 289 -11.64 24.09 -0.60
N ARG A 290 -11.56 24.86 0.47
CA ARG A 290 -10.47 25.80 0.66
C ARG A 290 -9.08 25.16 0.72
N ASN A 291 -9.04 23.85 0.94
CA ASN A 291 -7.78 23.10 1.01
C ASN A 291 -7.43 22.34 -0.25
N THR A 292 -8.15 22.62 -1.34
CA THR A 292 -7.96 21.83 -2.55
C THR A 292 -6.50 21.77 -3.02
N GLU A 293 -5.78 22.88 -2.96
CA GLU A 293 -4.40 22.84 -3.44
C GLU A 293 -3.49 21.90 -2.63
N ILE A 294 -3.57 21.94 -1.30
CA ILE A 294 -2.79 21.05 -0.47
CA ILE A 294 -2.76 21.04 -0.50
C ILE A 294 -3.24 19.58 -0.61
N LEU A 295 -4.53 19.37 -0.83
CA LEU A 295 -5.08 18.04 -1.07
C LEU A 295 -4.50 17.44 -2.36
N LYS A 296 -4.43 18.26 -3.41
CA LYS A 296 -3.81 17.85 -4.66
C LYS A 296 -2.33 17.51 -4.49
N ILE A 297 -1.62 18.31 -3.72
CA ILE A 297 -0.21 18.02 -3.46
C ILE A 297 -0.06 16.66 -2.76
N ASN A 298 -0.89 16.38 -1.76
CA ASN A 298 -0.82 15.08 -1.12
C ASN A 298 -1.11 13.94 -2.11
N PHE A 299 -2.15 14.09 -2.92
CA PHE A 299 -2.67 12.95 -3.66
C PHE A 299 -1.98 12.69 -4.97
N ASN A 300 -1.54 13.73 -5.67
CA ASN A 300 -1.16 13.64 -7.09
C ASN A 300 0.33 13.37 -7.27
N HIS A 301 0.64 12.12 -7.59
CA HIS A 301 2.02 11.65 -7.74
C HIS A 301 2.14 10.79 -8.98
N TYR A 302 1.82 11.37 -10.12
CA TYR A 302 1.90 10.65 -11.36
C TYR A 302 2.61 11.49 -12.43
N ASP A 303 3.42 12.43 -11.99
CA ASP A 303 4.11 13.35 -12.91
C ASP A 303 5.57 13.52 -12.52
N PHE A 304 6.28 12.41 -12.40
CA PHE A 304 7.71 12.40 -12.17
C PHE A 304 8.33 11.39 -13.12
N LYS A 305 9.63 11.56 -13.38
CA LYS A 305 10.34 10.66 -14.25
C LYS A 305 10.62 9.34 -13.56
N PRO A 306 10.10 8.23 -14.11
CA PRO A 306 10.43 6.94 -13.49
C PRO A 306 11.87 6.58 -13.76
N THR A 307 12.51 5.99 -12.76
CA THR A 307 13.91 5.58 -12.86
C THR A 307 14.05 4.04 -12.92
N ALA A 308 12.95 3.37 -13.24
CA ALA A 308 12.88 1.93 -13.42
C ALA A 308 11.67 1.60 -14.27
N PRO A 309 11.68 0.45 -14.93
CA PRO A 309 10.48 -0.04 -15.59
C PRO A 309 9.29 -0.02 -14.66
N LEU A 310 8.15 0.41 -15.20
CA LEU A 310 6.95 0.68 -14.44
C LEU A 310 5.72 0.07 -15.10
N LEU A 311 5.00 -0.73 -14.31
CA LEU A 311 3.77 -1.37 -14.75
C LEU A 311 2.61 -0.91 -13.88
N LEU A 312 1.62 -0.25 -14.44
CA LEU A 312 0.41 0.11 -13.70
C LEU A 312 -0.61 -0.98 -14.02
N VAL A 313 -0.88 -1.84 -13.04
CA VAL A 313 -1.73 -3.01 -13.28
C VAL A 313 -2.94 -3.01 -12.36
N GLY A 314 -4.11 -3.24 -12.95
CA GLY A 314 -5.37 -3.18 -12.24
C GLY A 314 -6.45 -3.91 -12.99
N THR A 315 -7.69 -3.47 -12.80
CA THR A 315 -8.85 -4.09 -13.43
C THR A 315 -9.84 -3.03 -13.85
N LYS A 316 -10.28 -3.07 -15.11
CA LYS A 316 -11.32 -2.19 -15.59
C LYS A 316 -12.67 -2.44 -14.90
N GLY A 317 -12.78 -3.55 -14.18
CA GLY A 317 -13.96 -3.82 -13.35
C GLY A 317 -13.93 -3.16 -11.99
N ASP A 318 -12.89 -2.41 -11.70
CA ASP A 318 -12.75 -1.85 -10.34
C ASP A 318 -13.87 -0.86 -10.03
N ARG A 319 -14.54 -1.10 -8.90
CA ARG A 319 -15.54 -0.20 -8.36
C ARG A 319 -15.04 0.50 -7.10
N ASP A 320 -13.77 0.29 -6.75
CA ASP A 320 -13.19 0.96 -5.57
C ASP A 320 -12.31 2.14 -5.91
N VAL A 321 -11.50 2.01 -6.97
CA VAL A 321 -10.64 3.08 -7.45
C VAL A 321 -10.77 3.16 -8.98
N PRO A 322 -10.76 4.37 -9.54
CA PRO A 322 -11.14 4.54 -10.94
C PRO A 322 -10.04 4.11 -11.89
N TYR A 323 -10.37 3.20 -12.78
CA TYR A 323 -9.41 2.78 -13.80
C TYR A 323 -9.00 3.96 -14.68
N ALA A 324 -9.92 4.92 -14.88
CA ALA A 324 -9.58 6.13 -15.63
C ALA A 324 -8.38 6.86 -15.01
N GLY A 325 -8.22 6.77 -13.69
CA GLY A 325 -7.06 7.37 -13.06
C GLY A 325 -5.76 6.68 -13.49
N ALA A 326 -5.79 5.36 -13.60
CA ALA A 326 -4.62 4.61 -14.06
C ALA A 326 -4.26 5.00 -15.50
N GLU A 327 -5.28 5.18 -16.33
CA GLU A 327 -5.05 5.56 -17.73
C GLU A 327 -4.41 6.95 -17.81
N MSE A 328 -4.92 7.87 -16.99
CA MSE A 328 -4.37 9.22 -16.92
CA MSE A 328 -4.37 9.22 -16.90
C MSE A 328 -2.90 9.18 -16.44
O MSE A 328 -2.02 9.83 -17.01
CB MSE A 328 -5.26 10.05 -15.99
CB MSE A 328 -5.20 10.03 -15.91
CG MSE A 328 -4.88 11.51 -15.91
CG MSE A 328 -4.60 11.37 -15.53
SE MSE A 328 -3.63 11.80 -14.47
SE MSE A 328 -5.59 12.10 -14.04
CE MSE A 328 -4.60 10.95 -13.00
CE MSE A 328 -4.90 10.91 -12.65
N ALA A 329 -2.62 8.40 -15.39
CA ALA A 329 -1.26 8.29 -14.86
C ALA A 329 -0.33 7.68 -15.92
N TYR A 330 -0.80 6.68 -16.63
CA TYR A 330 -0.01 6.03 -17.69
C TYR A 330 0.46 7.07 -18.72
N HIS A 331 -0.47 7.88 -19.23
CA HIS A 331 -0.07 8.87 -20.23
C HIS A 331 0.87 9.90 -19.65
N SER A 332 0.66 10.27 -18.40
CA SER A 332 1.56 11.20 -17.75
C SER A 332 2.99 10.66 -17.63
N PHE A 333 3.12 9.42 -17.16
CA PHE A 333 4.45 8.84 -17.01
C PHE A 333 5.13 8.61 -18.37
N ARG A 334 4.35 8.30 -19.39
CA ARG A 334 4.89 8.10 -20.74
C ARG A 334 5.54 9.34 -21.32
N LYS A 335 5.25 10.54 -20.78
CA LYS A 335 5.98 11.75 -21.22
C LYS A 335 7.47 11.63 -20.92
N TYR A 336 7.84 10.82 -19.94
CA TYR A 336 9.19 10.78 -19.39
C TYR A 336 9.97 9.53 -19.77
N SER A 337 9.28 8.44 -20.09
CA SER A 337 9.92 7.16 -20.34
C SER A 337 9.06 6.25 -21.21
N ASP A 338 9.73 5.47 -22.07
CA ASP A 338 9.09 4.43 -22.85
C ASP A 338 8.91 3.13 -22.05
N PHE A 339 9.60 3.00 -20.93
CA PHE A 339 9.57 1.77 -20.14
C PHE A 339 8.46 1.84 -19.08
N VAL A 340 7.26 2.04 -19.60
CA VAL A 340 6.02 2.25 -18.83
C VAL A 340 4.91 1.51 -19.57
N TRP A 341 4.19 0.68 -18.84
CA TRP A 341 3.11 -0.10 -19.39
C TRP A 341 1.89 -0.02 -18.48
N ILE A 342 0.74 -0.29 -19.07
CA ILE A 342 -0.53 -0.37 -18.35
C ILE A 342 -1.20 -1.69 -18.73
N LYS A 343 -1.78 -2.36 -17.74
CA LYS A 343 -2.43 -3.64 -17.93
C LYS A 343 -3.69 -3.74 -17.09
N SER A 344 -4.76 -4.18 -17.72
CA SER A 344 -6.00 -4.58 -17.05
C SER A 344 -6.11 -6.08 -17.11
N VAL A 345 -6.39 -6.68 -15.95
CA VAL A 345 -6.56 -8.12 -15.85
C VAL A 345 -7.98 -8.60 -16.17
N SER A 346 -8.93 -7.68 -16.32
CA SER A 346 -10.32 -8.02 -16.55
C SER A 346 -11.12 -6.78 -16.89
N ASP A 347 -12.20 -6.96 -17.67
CA ASP A 347 -13.18 -5.90 -17.84
C ASP A 347 -14.20 -5.82 -16.70
N ALA A 348 -14.30 -6.84 -15.84
CA ALA A 348 -15.39 -6.90 -14.86
C ALA A 348 -15.03 -7.39 -13.47
N LEU A 349 -13.89 -8.07 -13.27
CA LEU A 349 -13.52 -8.46 -11.91
C LEU A 349 -13.38 -7.19 -11.07
N ASP A 350 -13.91 -7.24 -9.84
CA ASP A 350 -13.86 -6.08 -8.95
C ASP A 350 -12.51 -5.98 -8.23
N HIS A 351 -12.38 -4.96 -7.39
CA HIS A 351 -11.11 -4.66 -6.72
C HIS A 351 -10.59 -5.85 -5.91
N VAL A 352 -11.49 -6.59 -5.31
CA VAL A 352 -11.11 -7.74 -4.50
C VAL A 352 -10.85 -8.98 -5.35
N GLN A 353 -11.79 -9.27 -6.23
CA GLN A 353 -11.67 -10.43 -7.09
C GLN A 353 -10.40 -10.41 -7.96
N ALA A 354 -10.03 -9.21 -8.42
CA ALA A 354 -8.89 -9.06 -9.30
C ALA A 354 -7.56 -9.24 -8.60
N HIS A 355 -7.55 -9.14 -7.26
CA HIS A 355 -6.30 -9.06 -6.53
C HIS A 355 -5.30 -10.19 -6.87
N PRO A 356 -5.70 -11.47 -6.83
CA PRO A 356 -4.69 -12.49 -7.11
C PRO A 356 -4.18 -12.46 -8.56
N PHE A 357 -5.04 -12.02 -9.48
CA PHE A 357 -4.61 -11.84 -10.87
C PHE A 357 -3.58 -10.73 -10.99
N VAL A 358 -3.79 -9.63 -10.28
CA VAL A 358 -2.84 -8.53 -10.24
C VAL A 358 -1.52 -8.98 -9.60
N LEU A 359 -1.59 -9.72 -8.48
CA LEU A 359 -0.37 -10.23 -7.87
C LEU A 359 0.45 -11.07 -8.85
N LYS A 360 -0.24 -11.92 -9.60
CA LYS A 360 0.45 -12.78 -10.58
C LYS A 360 1.17 -11.93 -11.64
N GLU A 361 0.51 -10.87 -12.11
CA GLU A 361 1.13 -9.96 -13.04
C GLU A 361 2.35 -9.27 -12.45
N GLN A 362 2.27 -8.88 -11.19
CA GLN A 362 3.42 -8.24 -10.54
C GLN A 362 4.62 -9.17 -10.51
N VAL A 363 4.41 -10.40 -10.05
CA VAL A 363 5.50 -11.38 -10.02
C VAL A 363 6.12 -11.59 -11.40
N ASP A 364 5.25 -11.73 -12.39
CA ASP A 364 5.73 -11.97 -13.76
C ASP A 364 6.53 -10.78 -14.30
N PHE A 365 6.10 -9.56 -13.98
CA PHE A 365 6.82 -8.36 -14.37
C PHE A 365 8.21 -8.32 -13.73
N PHE A 366 8.28 -8.64 -12.45
CA PHE A 366 9.56 -8.64 -11.77
C PHE A 366 10.50 -9.71 -12.32
N LYS A 367 9.95 -10.87 -12.64
CA LYS A 367 10.77 -11.93 -13.24
C LYS A 367 11.37 -11.49 -14.57
N GLN A 368 10.61 -10.73 -15.37
CA GLN A 368 11.10 -10.21 -16.63
C GLN A 368 12.34 -9.38 -16.42
N PHE A 369 12.34 -8.53 -15.40
CA PHE A 369 13.45 -7.65 -15.13
C PHE A 369 14.54 -8.30 -14.29
N GLU A 370 14.22 -9.38 -13.59
CA GLU A 370 15.24 -10.18 -12.92
C GLU A 370 16.21 -10.80 -13.93
N ARG A 371 15.67 -11.27 -15.06
CA ARG A 371 16.41 -12.09 -16.03
C ARG A 371 17.00 -11.29 -17.19
N GLN A 372 17.25 -10.02 -16.95
CA GLN A 372 18.04 -9.21 -17.86
C GLN A 372 18.83 -8.23 -17.01
N GLU A 373 19.83 -7.62 -17.62
CA GLU A 373 20.67 -6.71 -16.88
CA GLU A 373 20.79 -6.78 -16.92
C GLU A 373 21.09 -7.35 -15.53
N ALA A 374 21.40 -8.66 -15.50
CA ALA A 374 21.69 -9.36 -14.24
C ALA A 374 23.19 -9.74 -14.16
N MSE A 375 23.83 -9.33 -13.06
CA MSE A 375 25.26 -9.56 -12.83
C MSE A 375 25.48 -9.78 -11.34
O MSE A 375 24.91 -9.05 -10.52
CB MSE A 375 26.08 -8.37 -13.34
N ASN A 376 26.32 -10.75 -10.96
CA ASN A 376 26.56 -11.09 -9.55
C ASN A 376 27.19 -9.97 -8.72
C1 PEG B . -8.32 3.13 -1.43
O1 PEG B . -6.97 3.33 -0.93
C2 PEG B . -8.72 4.34 -2.27
O2 PEG B . -8.39 5.59 -1.64
C3 PEG B . -9.53 6.32 -1.17
C4 PEG B . -9.11 7.62 -0.51
O4 PEG B . -10.21 8.13 0.25
CL CL C . -6.72 16.67 -9.17
#